data_7N2I
# 
_entry.id   7N2I 
# 
_audit_conform.dict_name       mmcif_pdbx.dic 
_audit_conform.dict_version    5.392 
_audit_conform.dict_location   http://mmcif.pdb.org/dictionaries/ascii/mmcif_pdbx.dic 
# 
loop_
_database_2.database_id 
_database_2.database_code 
_database_2.pdbx_database_accession 
_database_2.pdbx_DOI 
PDB   7N2I         pdb_00007n2i 10.2210/pdb7n2i/pdb 
WWPDB D_1000254609 ?            ?                   
# 
loop_
_pdbx_audit_revision_history.ordinal 
_pdbx_audit_revision_history.data_content_type 
_pdbx_audit_revision_history.major_revision 
_pdbx_audit_revision_history.minor_revision 
_pdbx_audit_revision_history.revision_date 
1 'Structure model' 1 0 2022-06-01 
2 'Structure model' 1 1 2023-05-10 
3 'Structure model' 1 2 2024-05-22 
# 
_pdbx_audit_revision_details.ordinal             1 
_pdbx_audit_revision_details.revision_ordinal    1 
_pdbx_audit_revision_details.data_content_type   'Structure model' 
_pdbx_audit_revision_details.provider            repository 
_pdbx_audit_revision_details.type                'Initial release' 
_pdbx_audit_revision_details.description         ? 
_pdbx_audit_revision_details.details             ? 
# 
loop_
_pdbx_audit_revision_group.ordinal 
_pdbx_audit_revision_group.revision_ordinal 
_pdbx_audit_revision_group.data_content_type 
_pdbx_audit_revision_group.group 
1 2 'Structure model' 'Database references' 
2 3 'Structure model' 'Data collection'     
# 
loop_
_pdbx_audit_revision_category.ordinal 
_pdbx_audit_revision_category.revision_ordinal 
_pdbx_audit_revision_category.data_content_type 
_pdbx_audit_revision_category.category 
1 2 'Structure model' citation        
2 2 'Structure model' citation_author 
3 3 'Structure model' chem_comp_atom  
4 3 'Structure model' chem_comp_bond  
# 
loop_
_pdbx_audit_revision_item.ordinal 
_pdbx_audit_revision_item.revision_ordinal 
_pdbx_audit_revision_item.data_content_type 
_pdbx_audit_revision_item.item 
1  2 'Structure model' '_citation.country'                 
2  2 'Structure model' '_citation.journal_abbrev'          
3  2 'Structure model' '_citation.journal_id_CSD'          
4  2 'Structure model' '_citation.journal_id_ISSN'         
5  2 'Structure model' '_citation.journal_volume'          
6  2 'Structure model' '_citation.page_first'              
7  2 'Structure model' '_citation.page_last'               
8  2 'Structure model' '_citation.pdbx_database_id_DOI'    
9  2 'Structure model' '_citation.pdbx_database_id_PubMed' 
10 2 'Structure model' '_citation.title'                   
11 2 'Structure model' '_citation.year'                    
12 2 'Structure model' '_citation_author.identifier_ORCID' 
13 2 'Structure model' '_citation_author.name'             
# 
_pdbx_database_status.status_code                     REL 
_pdbx_database_status.status_code_sf                  REL 
_pdbx_database_status.status_code_mr                  ? 
_pdbx_database_status.entry_id                        7N2I 
_pdbx_database_status.recvd_initial_deposition_date   2021-05-29 
_pdbx_database_status.SG_entry                        N 
_pdbx_database_status.deposit_site                    RCSB 
_pdbx_database_status.process_site                    RCSB 
_pdbx_database_status.status_code_cs                  ? 
_pdbx_database_status.status_code_nmr_data            ? 
_pdbx_database_status.methods_development_category    ? 
_pdbx_database_status.pdb_format_compatible           Y 
# 
loop_
_audit_author.name 
_audit_author.pdbx_ordinal 
_audit_author.identifier_ORCID 
'Richards, L.S.'      1 0000-0002-1694-1652 
'Flores, M.D.'        2 0000-0002-4483-087X 
'Zee, C.T.'           3 0000-0002-6630-706X 
'Glynn, C.'           4 0000-0002-2197-2357 
'Gallagher-Jones, M.' 5 0000-0003-4227-917X 
'Sawaya, M.R.'        6 0000-0003-0874-9043 
# 
_citation.abstract                  ? 
_citation.abstract_id_CAS           ? 
_citation.book_id_ISBN              ? 
_citation.book_publisher            ? 
_citation.book_publisher_city       ? 
_citation.book_title                ? 
_citation.coordinate_linkage        ? 
_citation.country                   US 
_citation.database_id_Medline       ? 
_citation.details                   ? 
_citation.id                        primary 
_citation.journal_abbrev            'Acs Bio Med Chem Au' 
_citation.journal_id_ASTM           ? 
_citation.journal_id_CSD            ? 
_citation.journal_id_ISSN           2694-2437 
_citation.journal_full              ? 
_citation.journal_issue             ? 
_citation.journal_volume            3 
_citation.language                  ? 
_citation.page_first                201 
_citation.page_last                 210 
_citation.title                     'Fragment-Based Ab Initio Phasing of Peptidic Nanocrystals by MicroED.' 
_citation.year                      2023 
_citation.database_id_CSD           ? 
_citation.pdbx_database_id_DOI      10.1021/acsbiomedchemau.2c00082 
_citation.pdbx_database_id_PubMed   37096030 
_citation.pdbx_database_id_patent   ? 
_citation.unpublished_flag          ? 
# 
loop_
_citation_author.citation_id 
_citation_author.name 
_citation_author.ordinal 
_citation_author.identifier_ORCID 
primary 'Richards, L.S.'      1  ?                   
primary 'Flores, M.D.'        2  ?                   
primary 'Millan, C.'          3  ?                   
primary 'Glynn, C.'           4  ?                   
primary 'Zee, C.T.'           5  ?                   
primary 'Sawaya, M.R.'        6  0000-0003-0874-9043 
primary 'Gallagher-Jones, M.' 7  ?                   
primary 'Borges, R.J.'        8  ?                   
primary 'Uson, I.'            9  ?                   
primary 'Rodriguez, J.A.'     10 0000-0002-0248-4964 
# 
loop_
_entity.id 
_entity.type 
_entity.src_method 
_entity.pdbx_description 
_entity.formula_weight 
_entity.pdbx_number_of_molecules 
_entity.pdbx_ec 
_entity.pdbx_mutation 
_entity.pdbx_fragment 
_entity.details 
1 polymer syn LECT2 942.023 1 ? ? 'residues 45-53' ? 
2 water   nat water 18.015  2 ? ? ?                ? 
# 
_entity_poly.entity_id                      1 
_entity_poly.type                           'polypeptide(L)' 
_entity_poly.nstd_linkage                   no 
_entity_poly.nstd_monomer                   no 
_entity_poly.pdbx_seq_one_letter_code       GSTVYAPFT 
_entity_poly.pdbx_seq_one_letter_code_can   GSTVYAPFT 
_entity_poly.pdbx_strand_id                 A 
_entity_poly.pdbx_target_identifier         ? 
# 
_pdbx_entity_nonpoly.entity_id   2 
_pdbx_entity_nonpoly.name        water 
_pdbx_entity_nonpoly.comp_id     HOH 
# 
loop_
_entity_poly_seq.entity_id 
_entity_poly_seq.num 
_entity_poly_seq.mon_id 
_entity_poly_seq.hetero 
1 1 GLY n 
1 2 SER n 
1 3 THR n 
1 4 VAL n 
1 5 TYR n 
1 6 ALA n 
1 7 PRO n 
1 8 PHE n 
1 9 THR n 
# 
_pdbx_entity_src_syn.entity_id              1 
_pdbx_entity_src_syn.pdbx_src_id            1 
_pdbx_entity_src_syn.pdbx_alt_source_flag   sample 
_pdbx_entity_src_syn.pdbx_beg_seq_num       1 
_pdbx_entity_src_syn.pdbx_end_seq_num       9 
_pdbx_entity_src_syn.organism_scientific    'Homo sapiens' 
_pdbx_entity_src_syn.organism_common_name   ? 
_pdbx_entity_src_syn.ncbi_taxonomy_id       9606 
_pdbx_entity_src_syn.details                ? 
# 
loop_
_chem_comp.id 
_chem_comp.type 
_chem_comp.mon_nstd_flag 
_chem_comp.name 
_chem_comp.pdbx_synonyms 
_chem_comp.formula 
_chem_comp.formula_weight 
ALA 'L-peptide linking' y ALANINE       ? 'C3 H7 N O2'  89.093  
GLY 'peptide linking'   y GLYCINE       ? 'C2 H5 N O2'  75.067  
HOH non-polymer         . WATER         ? 'H2 O'        18.015  
PHE 'L-peptide linking' y PHENYLALANINE ? 'C9 H11 N O2' 165.189 
PRO 'L-peptide linking' y PROLINE       ? 'C5 H9 N O2'  115.130 
SER 'L-peptide linking' y SERINE        ? 'C3 H7 N O3'  105.093 
THR 'L-peptide linking' y THREONINE     ? 'C4 H9 N O3'  119.119 
TYR 'L-peptide linking' y TYROSINE      ? 'C9 H11 N O3' 181.189 
VAL 'L-peptide linking' y VALINE        ? 'C5 H11 N O2' 117.146 
# 
loop_
_pdbx_poly_seq_scheme.asym_id 
_pdbx_poly_seq_scheme.entity_id 
_pdbx_poly_seq_scheme.seq_id 
_pdbx_poly_seq_scheme.mon_id 
_pdbx_poly_seq_scheme.ndb_seq_num 
_pdbx_poly_seq_scheme.pdb_seq_num 
_pdbx_poly_seq_scheme.auth_seq_num 
_pdbx_poly_seq_scheme.pdb_mon_id 
_pdbx_poly_seq_scheme.auth_mon_id 
_pdbx_poly_seq_scheme.pdb_strand_id 
_pdbx_poly_seq_scheme.pdb_ins_code 
_pdbx_poly_seq_scheme.hetero 
A 1 1 GLY 1 0 0 GLY GLY A . n 
A 1 2 SER 2 1 1 SER SER A . n 
A 1 3 THR 3 2 2 THR THR A . n 
A 1 4 VAL 4 3 3 VAL VAL A . n 
A 1 5 TYR 5 4 4 TYR TYR A . n 
A 1 6 ALA 6 5 5 ALA ALA A . n 
A 1 7 PRO 7 6 6 PRO PRO A . n 
A 1 8 PHE 8 7 7 PHE PHE A . n 
A 1 9 THR 9 8 8 THR THR A . n 
# 
loop_
_pdbx_nonpoly_scheme.asym_id 
_pdbx_nonpoly_scheme.entity_id 
_pdbx_nonpoly_scheme.mon_id 
_pdbx_nonpoly_scheme.ndb_seq_num 
_pdbx_nonpoly_scheme.pdb_seq_num 
_pdbx_nonpoly_scheme.auth_seq_num 
_pdbx_nonpoly_scheme.pdb_mon_id 
_pdbx_nonpoly_scheme.auth_mon_id 
_pdbx_nonpoly_scheme.pdb_strand_id 
_pdbx_nonpoly_scheme.pdb_ins_code 
B 2 HOH 1 101 2 HOH HOH A . 
B 2 HOH 2 102 1 HOH HOH A . 
# 
loop_
_software.citation_id 
_software.classification 
_software.compiler_name 
_software.compiler_version 
_software.contact_author 
_software.contact_author_email 
_software.date 
_software.description 
_software.dependencies 
_software.hardware 
_software.language 
_software.location 
_software.mods 
_software.name 
_software.os 
_software.os_version 
_software.type 
_software.version 
_software.pdbx_ordinal 
? 'data scaling'    ? ? 'Wolfgang Kabsch' ?                        ?               ? ? ? ?   
http://www.mpimf-heidelberg.mpg.de/~kabsch/xds/html_doc/xscale_program.html ? XSCALE      ? ? package .    1 
? refinement        ? ? 'Paul D. Adams'   PDAdams@lbl.gov          ?               ? ? ? C++ http://www.phenix-online.org/ ? 
PHENIX      ? ? package .    2 
? 'data extraction' ? ? PDB               deposit@deposit.rcsb.org 'Oct. 31, 2020' ? ? ? C++ 
http://sw-tools.pdb.org/apps/PDB_EXTRACT/                                   ? PDB_EXTRACT ? ? package 3.27 3 
# 
_cell.angle_alpha                  90.000 
_cell.angle_alpha_esd              ? 
_cell.angle_beta                   105.010 
_cell.angle_beta_esd               ? 
_cell.angle_gamma                  90.000 
_cell.angle_gamma_esd              ? 
_cell.entry_id                     7N2I 
_cell.details                      ? 
_cell.formula_units_Z              ? 
_cell.length_a                     58.400 
_cell.length_a_esd                 ? 
_cell.length_b                     4.730 
_cell.length_b_esd                 ? 
_cell.length_c                     19.630 
_cell.length_c_esd                 ? 
_cell.volume                       ? 
_cell.volume_esd                   ? 
_cell.Z_PDB                        4 
_cell.reciprocal_angle_alpha       ? 
_cell.reciprocal_angle_beta        ? 
_cell.reciprocal_angle_gamma       ? 
_cell.reciprocal_angle_alpha_esd   ? 
_cell.reciprocal_angle_beta_esd    ? 
_cell.reciprocal_angle_gamma_esd   ? 
_cell.reciprocal_length_a          ? 
_cell.reciprocal_length_b          ? 
_cell.reciprocal_length_c          ? 
_cell.reciprocal_length_a_esd      ? 
_cell.reciprocal_length_b_esd      ? 
_cell.reciprocal_length_c_esd      ? 
_cell.pdbx_unique_axis             ? 
# 
_symmetry.entry_id                         7N2I 
_symmetry.cell_setting                     ? 
_symmetry.Int_Tables_number                5 
_symmetry.space_group_name_Hall            ? 
_symmetry.space_group_name_H-M             'C 1 2 1' 
_symmetry.pdbx_full_space_group_name_H-M   ? 
# 
_exptl.absorpt_coefficient_mu     ? 
_exptl.absorpt_correction_T_max   ? 
_exptl.absorpt_correction_T_min   ? 
_exptl.absorpt_correction_type    ? 
_exptl.absorpt_process_details    ? 
_exptl.entry_id                   7N2I 
_exptl.crystals_number            ? 
_exptl.details                    ? 
_exptl.method                     'ELECTRON CRYSTALLOGRAPHY' 
_exptl.method_details             ? 
# 
_exptl_crystal.colour                      ? 
_exptl_crystal.density_diffrn              ? 
_exptl_crystal.density_Matthews            ? 
_exptl_crystal.density_method              ? 
_exptl_crystal.density_percent_sol         ? 
_exptl_crystal.description                 ? 
_exptl_crystal.F_000                       ? 
_exptl_crystal.id                          1 
_exptl_crystal.preparation                 ? 
_exptl_crystal.size_max                    ? 
_exptl_crystal.size_mid                    ? 
_exptl_crystal.size_min                    ? 
_exptl_crystal.size_rad                    ? 
_exptl_crystal.colour_lustre               ? 
_exptl_crystal.colour_modifier             ? 
_exptl_crystal.colour_primary              ? 
_exptl_crystal.density_meas                ? 
_exptl_crystal.density_meas_esd            ? 
_exptl_crystal.density_meas_gt             ? 
_exptl_crystal.density_meas_lt             ? 
_exptl_crystal.density_meas_temp           ? 
_exptl_crystal.density_meas_temp_esd       ? 
_exptl_crystal.density_meas_temp_gt        ? 
_exptl_crystal.density_meas_temp_lt        ? 
_exptl_crystal.pdbx_crystal_image_url      ? 
_exptl_crystal.pdbx_crystal_image_format   ? 
_exptl_crystal.pdbx_mosaicity              ? 
_exptl_crystal.pdbx_mosaicity_esd          ? 
# 
_diffrn.ambient_environment              ? 
_diffrn.ambient_temp                     ? 
_diffrn.ambient_temp_details             ? 
_diffrn.ambient_temp_esd                 ? 
_diffrn.crystal_id                       1 
_diffrn.crystal_support                  ? 
_diffrn.crystal_treatment                ? 
_diffrn.details                          ? 
_diffrn.id                               1 
_diffrn.ambient_pressure                 ? 
_diffrn.ambient_pressure_esd             ? 
_diffrn.ambient_pressure_gt              ? 
_diffrn.ambient_pressure_lt              ? 
_diffrn.ambient_temp_gt                  ? 
_diffrn.ambient_temp_lt                  ? 
_diffrn.pdbx_serial_crystal_experiment   ? 
# 
_diffrn_radiation.collimation                      ? 
_diffrn_radiation.diffrn_id                        1 
_diffrn_radiation.filter_edge                      ? 
_diffrn_radiation.inhomogeneity                    ? 
_diffrn_radiation.monochromator                    ? 
_diffrn_radiation.polarisn_norm                    ? 
_diffrn_radiation.polarisn_ratio                   ? 
_diffrn_radiation.probe                            ? 
_diffrn_radiation.type                             ? 
_diffrn_radiation.xray_symbol                      ? 
_diffrn_radiation.wavelength_id                    1 
_diffrn_radiation.pdbx_monochromatic_or_laue_m_l   ? 
_diffrn_radiation.pdbx_wavelength_list             ? 
_diffrn_radiation.pdbx_wavelength                  ? 
_diffrn_radiation.pdbx_diffrn_protocol             ? 
_diffrn_radiation.pdbx_analyzer                    ? 
_diffrn_radiation.pdbx_scattering_type             electron 
# 
_diffrn_radiation_wavelength.id           1 
_diffrn_radiation_wavelength.wavelength   . 
_diffrn_radiation_wavelength.wt           1.0 
# 
_reflns.B_iso_Wilson_estimate                          15.813 
_reflns.entry_id                                       7N2I 
_reflns.data_reduction_details                         ? 
_reflns.data_reduction_method                          ? 
_reflns.d_resolution_high                              1.400 
_reflns.d_resolution_low                               7.754 
_reflns.details                                        ? 
_reflns.limit_h_max                                    ? 
_reflns.limit_h_min                                    ? 
_reflns.limit_k_max                                    ? 
_reflns.limit_k_min                                    ? 
_reflns.limit_l_max                                    ? 
_reflns.limit_l_min                                    ? 
_reflns.number_all                                     ? 
_reflns.number_obs                                     986 
_reflns.observed_criterion                             ? 
_reflns.observed_criterion_F_max                       ? 
_reflns.observed_criterion_F_min                       ? 
_reflns.observed_criterion_I_max                       ? 
_reflns.observed_criterion_I_min                       ? 
_reflns.observed_criterion_sigma_F                     ? 
_reflns.observed_criterion_sigma_I                     ? 
_reflns.percent_possible_obs                           80.000 
_reflns.R_free_details                                 ? 
_reflns.Rmerge_F_all                                   ? 
_reflns.Rmerge_F_obs                                   ? 
_reflns.Friedel_coverage                               ? 
_reflns.number_gt                                      ? 
_reflns.threshold_expression                           ? 
_reflns.pdbx_redundancy                                4.218 
_reflns.pdbx_Rmerge_I_obs                              0.159 
_reflns.pdbx_Rmerge_I_all                              ? 
_reflns.pdbx_Rsym_value                                ? 
_reflns.pdbx_netI_over_av_sigmaI                       ? 
_reflns.pdbx_netI_over_sigmaI                          5.160 
_reflns.pdbx_res_netI_over_av_sigmaI_2                 ? 
_reflns.pdbx_res_netI_over_sigmaI_2                    ? 
_reflns.pdbx_chi_squared                               0.865 
_reflns.pdbx_scaling_rejects                           1 
_reflns.pdbx_d_res_high_opt                            ? 
_reflns.pdbx_d_res_low_opt                             ? 
_reflns.pdbx_d_res_opt_method                          ? 
_reflns.phase_calculation_details                      ? 
_reflns.pdbx_Rrim_I_all                                0.178 
_reflns.pdbx_Rpim_I_all                                ? 
_reflns.pdbx_d_opt                                     ? 
_reflns.pdbx_number_measured_all                       4159 
_reflns.pdbx_diffrn_id                                 1 
_reflns.pdbx_ordinal                                   1 
_reflns.pdbx_CC_half                                   0.987 
_reflns.pdbx_CC_star                                   ? 
_reflns.pdbx_R_split                                   ? 
_reflns.pdbx_aniso_diffraction_limit_axis_1_ortho[1]   ? 
_reflns.pdbx_aniso_diffraction_limit_axis_1_ortho[2]   ? 
_reflns.pdbx_aniso_diffraction_limit_axis_1_ortho[3]   ? 
_reflns.pdbx_aniso_diffraction_limit_axis_2_ortho[1]   ? 
_reflns.pdbx_aniso_diffraction_limit_axis_2_ortho[2]   ? 
_reflns.pdbx_aniso_diffraction_limit_axis_2_ortho[3]   ? 
_reflns.pdbx_aniso_diffraction_limit_axis_3_ortho[1]   ? 
_reflns.pdbx_aniso_diffraction_limit_axis_3_ortho[2]   ? 
_reflns.pdbx_aniso_diffraction_limit_axis_3_ortho[3]   ? 
_reflns.pdbx_aniso_diffraction_limit_1                 ? 
_reflns.pdbx_aniso_diffraction_limit_2                 ? 
_reflns.pdbx_aniso_diffraction_limit_3                 ? 
_reflns.pdbx_aniso_B_tensor_eigenvector_1_ortho[1]     ? 
_reflns.pdbx_aniso_B_tensor_eigenvector_1_ortho[2]     ? 
_reflns.pdbx_aniso_B_tensor_eigenvector_1_ortho[3]     ? 
_reflns.pdbx_aniso_B_tensor_eigenvector_2_ortho[1]     ? 
_reflns.pdbx_aniso_B_tensor_eigenvector_2_ortho[2]     ? 
_reflns.pdbx_aniso_B_tensor_eigenvector_2_ortho[3]     ? 
_reflns.pdbx_aniso_B_tensor_eigenvector_3_ortho[1]     ? 
_reflns.pdbx_aniso_B_tensor_eigenvector_3_ortho[2]     ? 
_reflns.pdbx_aniso_B_tensor_eigenvector_3_ortho[3]     ? 
_reflns.pdbx_aniso_B_tensor_eigenvalue_1               ? 
_reflns.pdbx_aniso_B_tensor_eigenvalue_2               ? 
_reflns.pdbx_aniso_B_tensor_eigenvalue_3               ? 
_reflns.pdbx_orthogonalization_convention              ? 
_reflns.pdbx_percent_possible_ellipsoidal              ? 
_reflns.pdbx_percent_possible_spherical                ? 
_reflns.pdbx_percent_possible_ellipsoidal_anomalous    ? 
_reflns.pdbx_percent_possible_spherical_anomalous      ? 
_reflns.pdbx_redundancy_anomalous                      ? 
_reflns.pdbx_CC_half_anomalous                         ? 
_reflns.pdbx_absDiff_over_sigma_anomalous              ? 
_reflns.pdbx_percent_possible_anomalous                ? 
_reflns.pdbx_observed_signal_threshold                 ? 
_reflns.pdbx_signal_type                               ? 
_reflns.pdbx_signal_details                            ? 
_reflns.pdbx_signal_software_id                        ? 
# 
loop_
_reflns_shell.d_res_high 
_reflns_shell.d_res_low 
_reflns_shell.meanI_over_sigI_all 
_reflns_shell.meanI_over_sigI_obs 
_reflns_shell.number_measured_all 
_reflns_shell.number_measured_obs 
_reflns_shell.number_possible 
_reflns_shell.number_unique_all 
_reflns_shell.number_unique_obs 
_reflns_shell.percent_possible_all 
_reflns_shell.percent_possible_obs 
_reflns_shell.Rmerge_F_all 
_reflns_shell.Rmerge_F_obs 
_reflns_shell.Rmerge_I_all 
_reflns_shell.Rmerge_I_obs 
_reflns_shell.meanI_over_sigI_gt 
_reflns_shell.meanI_over_uI_all 
_reflns_shell.meanI_over_uI_gt 
_reflns_shell.number_measured_gt 
_reflns_shell.number_unique_gt 
_reflns_shell.percent_possible_gt 
_reflns_shell.Rmerge_F_gt 
_reflns_shell.Rmerge_I_gt 
_reflns_shell.pdbx_redundancy 
_reflns_shell.pdbx_Rsym_value 
_reflns_shell.pdbx_chi_squared 
_reflns_shell.pdbx_netI_over_sigmaI_all 
_reflns_shell.pdbx_netI_over_sigmaI_obs 
_reflns_shell.pdbx_Rrim_I_all 
_reflns_shell.pdbx_Rpim_I_all 
_reflns_shell.pdbx_rejects 
_reflns_shell.pdbx_ordinal 
_reflns_shell.pdbx_diffrn_id 
_reflns_shell.pdbx_CC_half 
_reflns_shell.pdbx_CC_star 
_reflns_shell.pdbx_R_split 
_reflns_shell.pdbx_percent_possible_ellipsoidal 
_reflns_shell.pdbx_percent_possible_spherical 
_reflns_shell.pdbx_percent_possible_ellipsoidal_anomalous 
_reflns_shell.pdbx_percent_possible_spherical_anomalous 
_reflns_shell.pdbx_redundancy_anomalous 
_reflns_shell.pdbx_CC_half_anomalous 
_reflns_shell.pdbx_absDiff_over_sigma_anomalous 
_reflns_shell.pdbx_percent_possible_anomalous 
1.400 1.480 ? 2.560 ? 622 180 ? 149 82.800 ? ? ? ? 0.385 ? ? ? ? ? ? ? ? 4.174 ? ? ? ? 0.436 ? ? 1  1 0.895 ? ? ? ? ? ? ? ? ? ? 
1.480 1.570 ? 3.970 ? 745 180 ? 153 85.000 ? ? ? ? 0.272 ? ? ? ? ? ? ? ? 4.869 ? ? ? ? 0.301 ? ? 2  1 0.929 ? ? ? ? ? ? ? ? ? ? 
1.570 1.680 ? 3.800 ? 441 136 ? 108 79.400 ? ? ? ? 0.266 ? ? ? ? ? ? ? ? 4.083 ? ? ? ? 0.303 ? ? 3  1 0.951 ? ? ? ? ? ? ? ? ? ? 
1.680 1.810 ? 4.420 ? 428 134 ? 109 81.300 ? ? ? ? 0.227 ? ? ? ? ? ? ? ? 3.927 ? ? ? ? 0.256 ? ? 4  1 0.962 ? ? ? ? ? ? ? ? ? ? 
1.810 1.980 ? 5.830 ? 486 137 ? 109 79.600 ? ? ? ? 0.210 ? ? ? ? ? ? ? ? 4.459 ? ? ? ? 0.234 ? ? 5  1 0.963 ? ? ? ? ? ? ? ? ? ? 
1.980 2.220 ? 6.640 ? 450 126 ? 103 81.700 ? ? ? ? 0.175 ? ? ? ? ? ? ? ? 4.369 ? ? ? ? 0.196 ? ? 6  1 0.975 ? ? ? ? ? ? ? ? ? ? 
2.220 2.560 ? 6.770 ? 364 110 ? 87  79.100 ? ? ? ? 0.144 ? ? ? ? ? ? ? ? 4.184 ? ? ? ? 0.161 ? ? 7  1 0.986 ? ? ? ? ? ? ? ? ? ? 
2.560 3.130 ? 6.750 ? 221 90  ? 73  81.100 ? ? ? ? 0.141 ? ? ? ? ? ? ? ? 3.027 ? ? ? ? 0.169 ? ? 8  1 0.981 ? ? ? ? ? ? ? ? ? ? 
3.130 4.430 ? 8.830 ? 317 90  ? 71  78.900 ? ? ? ? 0.148 ? ? ? ? ? ? ? ? 4.465 ? ? ? ? 0.163 ? ? 9  1 0.972 ? ? ? ? ? ? ? ? ? ? 
4.430 7.754 ? 7.500 ? 85  49  ? 24  49.000 ? ? ? ? 0.092 ? ? ? ? ? ? ? ? 3.542 ? ? ? ? 0.101 ? ? 10 1 0.997 ? ? ? ? ? ? ? ? ? ? 
# 
_refine.aniso_B[1][1]                            ? 
_refine.aniso_B[1][2]                            ? 
_refine.aniso_B[1][3]                            ? 
_refine.aniso_B[2][2]                            ? 
_refine.aniso_B[2][3]                            ? 
_refine.aniso_B[3][3]                            ? 
_refine.B_iso_max                                24.810 
_refine.B_iso_mean                               8.7768 
_refine.B_iso_min                                3.960 
_refine.correlation_coeff_Fo_to_Fc               ? 
_refine.correlation_coeff_Fo_to_Fc_free          ? 
_refine.details                                  ? 
_refine.diff_density_max                         ? 
_refine.diff_density_max_esd                     ? 
_refine.diff_density_min                         ? 
_refine.diff_density_min_esd                     ? 
_refine.diff_density_rms                         ? 
_refine.diff_density_rms_esd                     ? 
_refine.entry_id                                 7N2I 
_refine.pdbx_refine_id                           'ELECTRON CRYSTALLOGRAPHY' 
_refine.ls_abs_structure_details                 ? 
_refine.ls_abs_structure_Flack                   ? 
_refine.ls_abs_structure_Flack_esd               ? 
_refine.ls_abs_structure_Rogers                  ? 
_refine.ls_abs_structure_Rogers_esd              ? 
_refine.ls_d_res_high                            1.4020 
_refine.ls_d_res_low                             7.7540 
_refine.ls_extinction_coef                       ? 
_refine.ls_extinction_coef_esd                   ? 
_refine.ls_extinction_expression                 ? 
_refine.ls_extinction_method                     ? 
_refine.ls_goodness_of_fit_all                   ? 
_refine.ls_goodness_of_fit_all_esd               ? 
_refine.ls_goodness_of_fit_obs                   ? 
_refine.ls_goodness_of_fit_obs_esd               ? 
_refine.ls_hydrogen_treatment                    ? 
_refine.ls_matrix_type                           ? 
_refine.ls_number_constraints                    ? 
_refine.ls_number_parameters                     ? 
_refine.ls_number_reflns_all                     ? 
_refine.ls_number_reflns_obs                     985 
_refine.ls_number_reflns_R_free                  89 
_refine.ls_number_reflns_R_work                  896 
_refine.ls_number_restraints                     ? 
_refine.ls_percent_reflns_obs                    81.2000 
_refine.ls_percent_reflns_R_free                 9.0400 
_refine.ls_R_factor_all                          ? 
_refine.ls_R_factor_obs                          0.1938 
_refine.ls_R_factor_R_free                       0.1923 
_refine.ls_R_factor_R_free_error                 ? 
_refine.ls_R_factor_R_free_error_details         ? 
_refine.ls_R_factor_R_work                       0.1936 
_refine.ls_R_Fsqd_factor_obs                     ? 
_refine.ls_R_I_factor_obs                        ? 
_refine.ls_redundancy_reflns_all                 ? 
_refine.ls_redundancy_reflns_obs                 ? 
_refine.ls_restrained_S_all                      ? 
_refine.ls_restrained_S_obs                      ? 
_refine.ls_shift_over_esd_max                    ? 
_refine.ls_shift_over_esd_mean                   ? 
_refine.ls_structure_factor_coef                 ? 
_refine.ls_weighting_details                     ? 
_refine.ls_weighting_scheme                      ? 
_refine.ls_wR_factor_all                         ? 
_refine.ls_wR_factor_obs                         ? 
_refine.ls_wR_factor_R_free                      ? 
_refine.ls_wR_factor_R_work                      ? 
_refine.occupancy_max                            ? 
_refine.occupancy_min                            ? 
_refine.solvent_model_details                    'FLAT BULK SOLVENT MODEL' 
_refine.solvent_model_param_bsol                 ? 
_refine.solvent_model_param_ksol                 ? 
_refine.pdbx_R_complete                          ? 
_refine.ls_R_factor_gt                           ? 
_refine.ls_goodness_of_fit_gt                    ? 
_refine.ls_goodness_of_fit_ref                   ? 
_refine.ls_shift_over_su_max                     ? 
_refine.ls_shift_over_su_max_lt                  ? 
_refine.ls_shift_over_su_mean                    ? 
_refine.ls_shift_over_su_mean_lt                 ? 
_refine.pdbx_ls_sigma_I                          ? 
_refine.pdbx_ls_sigma_F                          1.400 
_refine.pdbx_ls_sigma_Fsqd                       ? 
_refine.pdbx_data_cutoff_high_absF               ? 
_refine.pdbx_data_cutoff_high_rms_absF           ? 
_refine.pdbx_data_cutoff_low_absF                ? 
_refine.pdbx_isotropic_thermal_model             ? 
_refine.pdbx_ls_cross_valid_method               THROUGHOUT 
_refine.pdbx_method_to_determine_struct          ? 
_refine.pdbx_starting_model                      ? 
_refine.pdbx_stereochemistry_target_values       ML 
_refine.pdbx_R_Free_selection_details            ? 
_refine.pdbx_stereochem_target_val_spec_case     ? 
_refine.pdbx_overall_ESU_R                       ? 
_refine.pdbx_overall_ESU_R_Free                  ? 
_refine.pdbx_solvent_vdw_probe_radii             1.1100 
_refine.pdbx_solvent_ion_probe_radii             ? 
_refine.pdbx_solvent_shrinkage_radii             0.9000 
_refine.pdbx_real_space_R                        ? 
_refine.pdbx_density_correlation                 ? 
_refine.pdbx_pd_number_of_powder_patterns        ? 
_refine.pdbx_pd_number_of_points                 ? 
_refine.pdbx_pd_meas_number_of_points            ? 
_refine.pdbx_pd_proc_ls_prof_R_factor            ? 
_refine.pdbx_pd_proc_ls_prof_wR_factor           ? 
_refine.pdbx_pd_Marquardt_correlation_coeff      ? 
_refine.pdbx_pd_Fsqrd_R_factor                   ? 
_refine.pdbx_pd_ls_matrix_band_width             ? 
_refine.pdbx_overall_phase_error                 22.6500 
_refine.pdbx_overall_SU_R_free_Cruickshank_DPI   ? 
_refine.pdbx_overall_SU_R_free_Blow_DPI          ? 
_refine.pdbx_overall_SU_R_Blow_DPI               ? 
_refine.pdbx_TLS_residual_ADP_flag               ? 
_refine.pdbx_diffrn_id                           1 
_refine.overall_SU_B                             ? 
_refine.overall_SU_ML                            0.1300 
_refine.overall_SU_R_Cruickshank_DPI             ? 
_refine.overall_SU_R_free                        ? 
_refine.overall_FOM_free_R_set                   ? 
_refine.overall_FOM_work_R_set                   ? 
_refine.pdbx_average_fsc_overall                 ? 
_refine.pdbx_average_fsc_work                    ? 
_refine.pdbx_average_fsc_free                    ? 
# 
_refine_hist.pdbx_refine_id                   'ELECTRON CRYSTALLOGRAPHY' 
_refine_hist.cycle_id                         final 
_refine_hist.details                          ? 
_refine_hist.d_res_high                       1.4020 
_refine_hist.d_res_low                        7.7540 
_refine_hist.number_atoms_solvent             2 
_refine_hist.number_atoms_total               69 
_refine_hist.number_reflns_all                ? 
_refine_hist.number_reflns_obs                ? 
_refine_hist.number_reflns_R_free             ? 
_refine_hist.number_reflns_R_work             ? 
_refine_hist.R_factor_all                     ? 
_refine_hist.R_factor_obs                     ? 
_refine_hist.R_factor_R_free                  ? 
_refine_hist.R_factor_R_work                  ? 
_refine_hist.pdbx_number_residues_total       9 
_refine_hist.pdbx_B_iso_mean_ligand           ? 
_refine_hist.pdbx_B_iso_mean_solvent          12.66 
_refine_hist.pdbx_number_atoms_protein        67 
_refine_hist.pdbx_number_atoms_nucleic_acid   0 
_refine_hist.pdbx_number_atoms_ligand         0 
_refine_hist.pdbx_number_atoms_lipid          ? 
_refine_hist.pdbx_number_atoms_carb           ? 
_refine_hist.pdbx_pseudo_atom_details         ? 
# 
loop_
_refine_ls_shell.pdbx_refine_id 
_refine_ls_shell.d_res_high 
_refine_ls_shell.d_res_low 
_refine_ls_shell.number_reflns_all 
_refine_ls_shell.number_reflns_obs 
_refine_ls_shell.number_reflns_R_free 
_refine_ls_shell.number_reflns_R_work 
_refine_ls_shell.percent_reflns_obs 
_refine_ls_shell.percent_reflns_R_free 
_refine_ls_shell.R_factor_all 
_refine_ls_shell.R_factor_obs 
_refine_ls_shell.R_factor_R_free 
_refine_ls_shell.R_factor_R_free_error 
_refine_ls_shell.R_factor_R_work 
_refine_ls_shell.redundancy_reflns_all 
_refine_ls_shell.redundancy_reflns_obs 
_refine_ls_shell.wR_factor_all 
_refine_ls_shell.wR_factor_obs 
_refine_ls_shell.wR_factor_R_free 
_refine_ls_shell.wR_factor_R_work 
_refine_ls_shell.pdbx_R_complete 
_refine_ls_shell.pdbx_total_number_of_bins_used 
_refine_ls_shell.pdbx_phase_error 
_refine_ls_shell.pdbx_fsc_work 
_refine_ls_shell.pdbx_fsc_free 
'ELECTRON CRYSTALLOGRAPHY' 1.4024 1.4522 . . 9  97  85.0000 . . . 0.4549 0.0000 0.2652 . . . . . . . . . . . 
'ELECTRON CRYSTALLOGRAPHY' 1.4522 1.5099 . . 10 95  84.0000 . . . 0.1986 0.0000 0.2414 . . . . . . . . . . . 
'ELECTRON CRYSTALLOGRAPHY' 1.5099 1.5781 . . 10 99  88.0000 . . . 0.2996 0.0000 0.2217 . . . . . . . . . . . 
'ELECTRON CRYSTALLOGRAPHY' 1.5781 1.6605 . . 7  72  78.0000 . . . 0.2548 0.0000 0.2465 . . . . . . . . . . . 
'ELECTRON CRYSTALLOGRAPHY' 1.6605 1.7634 . . 8  79  84.0000 . . . 0.3715 0.0000 0.2201 . . . . . . . . . . . 
'ELECTRON CRYSTALLOGRAPHY' 1.7634 1.8977 . . 8  81  80.0000 . . . 0.1272 0.0000 0.2457 . . . . . . . . . . . 
'ELECTRON CRYSTALLOGRAPHY' 1.8977 2.0853 . . 9  94  81.0000 . . . 0.2017 0.0000 0.2001 . . . . . . . . . . . 
'ELECTRON CRYSTALLOGRAPHY' 2.0853 2.3794 . . 10 101 80.0000 . . . 0.1673 0.0000 0.1996 . . . . . . . . . . . 
'ELECTRON CRYSTALLOGRAPHY' 2.3794 2.9695 . . 7  75  77.0000 . . . 0.1803 0.0000 0.1834 . . . . . . . . . . . 
'ELECTRON CRYSTALLOGRAPHY' 2.9695 7.7540 . . 11 103 77.0000 . . . 0.1280 0.0000 0.1354 . . . . . . . . . . . 
# 
_struct.entry_id                     7N2I 
_struct.title                        'MicroED structure of human LECT2 (45-53) phased by ARCIMBOLDO-BORGES' 
_struct.pdbx_model_details           ? 
_struct.pdbx_formula_weight          ? 
_struct.pdbx_formula_weight_method   ? 
_struct.pdbx_model_type_details      ? 
_struct.pdbx_CASP_flag               N 
# 
_struct_keywords.entry_id        7N2I 
_struct_keywords.text            'MicroED, amyloid, LECT2, PROTEIN FIBRIL' 
_struct_keywords.pdbx_keywords   'PROTEIN FIBRIL' 
# 
loop_
_struct_asym.id 
_struct_asym.pdbx_blank_PDB_chainid_flag 
_struct_asym.pdbx_modified 
_struct_asym.entity_id 
_struct_asym.details 
A N N 1 ? 
B N N 2 ? 
# 
_struct_ref.id                         1 
_struct_ref.db_name                    PDB 
_struct_ref.db_code                    7N2I 
_struct_ref.pdbx_db_accession          7N2I 
_struct_ref.pdbx_db_isoform            ? 
_struct_ref.entity_id                  1 
_struct_ref.pdbx_seq_one_letter_code   ? 
_struct_ref.pdbx_align_begin           1 
# 
_struct_ref_seq.align_id                      1 
_struct_ref_seq.ref_id                        1 
_struct_ref_seq.pdbx_PDB_id_code              7N2I 
_struct_ref_seq.pdbx_strand_id                A 
_struct_ref_seq.seq_align_beg                 1 
_struct_ref_seq.pdbx_seq_align_beg_ins_code   ? 
_struct_ref_seq.seq_align_end                 9 
_struct_ref_seq.pdbx_seq_align_end_ins_code   ? 
_struct_ref_seq.pdbx_db_accession             7N2I 
_struct_ref_seq.db_align_beg                  0 
_struct_ref_seq.pdbx_db_align_beg_ins_code    ? 
_struct_ref_seq.db_align_end                  8 
_struct_ref_seq.pdbx_db_align_end_ins_code    ? 
_struct_ref_seq.pdbx_auth_seq_align_beg       0 
_struct_ref_seq.pdbx_auth_seq_align_end       8 
# 
_pdbx_struct_assembly.id                   1 
_pdbx_struct_assembly.details              author_and_software_defined_assembly 
_pdbx_struct_assembly.method_details       PISA 
_pdbx_struct_assembly.oligomeric_details   monomeric 
_pdbx_struct_assembly.oligomeric_count     1 
# 
loop_
_pdbx_struct_assembly_prop.biol_id 
_pdbx_struct_assembly_prop.type 
_pdbx_struct_assembly_prop.value 
_pdbx_struct_assembly_prop.details 
1 'ABSA (A^2)' 0    ? 
1 MORE         0    ? 
1 'SSA (A^2)'  1220 ? 
# 
_pdbx_struct_assembly_gen.assembly_id       1 
_pdbx_struct_assembly_gen.oper_expression   1 
_pdbx_struct_assembly_gen.asym_id_list      A,B 
# 
_pdbx_struct_assembly_auth_evidence.id                     1 
_pdbx_struct_assembly_auth_evidence.assembly_id            1 
_pdbx_struct_assembly_auth_evidence.experimental_support   none 
_pdbx_struct_assembly_auth_evidence.details                ? 
# 
_pdbx_struct_oper_list.id                   1 
_pdbx_struct_oper_list.type                 'identity operation' 
_pdbx_struct_oper_list.name                 1_555 
_pdbx_struct_oper_list.symmetry_operation   x,y,z 
_pdbx_struct_oper_list.matrix[1][1]         1.0000000000 
_pdbx_struct_oper_list.matrix[1][2]         0.0000000000 
_pdbx_struct_oper_list.matrix[1][3]         0.0000000000 
_pdbx_struct_oper_list.vector[1]            0.0000000000 
_pdbx_struct_oper_list.matrix[2][1]         0.0000000000 
_pdbx_struct_oper_list.matrix[2][2]         1.0000000000 
_pdbx_struct_oper_list.matrix[2][3]         0.0000000000 
_pdbx_struct_oper_list.vector[2]            0.0000000000 
_pdbx_struct_oper_list.matrix[3][1]         0.0000000000 
_pdbx_struct_oper_list.matrix[3][2]         0.0000000000 
_pdbx_struct_oper_list.matrix[3][3]         1.0000000000 
_pdbx_struct_oper_list.vector[3]            0.0000000000 
# 
_pdbx_validate_torsion.id              1 
_pdbx_validate_torsion.PDB_model_num   1 
_pdbx_validate_torsion.auth_comp_id    ALA 
_pdbx_validate_torsion.auth_asym_id    A 
_pdbx_validate_torsion.auth_seq_id     5 
_pdbx_validate_torsion.PDB_ins_code    ? 
_pdbx_validate_torsion.label_alt_id    ? 
_pdbx_validate_torsion.phi             -145.68 
_pdbx_validate_torsion.psi             56.62 
# 
_em_3d_fitting.entry_id          7N2I 
_em_3d_fitting.id                1 
_em_3d_fitting.details           ? 
_em_3d_fitting.overall_b_value   ? 
_em_3d_fitting.ref_protocol      OTHER 
_em_3d_fitting.ref_space         ? 
_em_3d_fitting.target_criteria   ? 
_em_3d_fitting.method            ? 
# 
_em_3d_reconstruction.entry_id                    7N2I 
_em_3d_reconstruction.id                          1 
_em_3d_reconstruction.algorithm                   ? 
_em_3d_reconstruction.details                     ? 
_em_3d_reconstruction.refinement_type             ? 
_em_3d_reconstruction.image_processing_id         1 
_em_3d_reconstruction.num_class_averages          ? 
_em_3d_reconstruction.num_particles               ? 
_em_3d_reconstruction.resolution                  ? 
_em_3d_reconstruction.resolution_method           'DIFFRACTION PATTERN/LAYERLINES' 
_em_3d_reconstruction.symmetry_type               '3D CRYSTAL' 
_em_3d_reconstruction.method                      ? 
_em_3d_reconstruction.nominal_pixel_size          ? 
_em_3d_reconstruction.actual_pixel_size           ? 
_em_3d_reconstruction.magnification_calibration   ? 
# 
_em_buffer.id            1 
_em_buffer.details       ? 
_em_buffer.pH            4.6 
_em_buffer.specimen_id   1 
_em_buffer.name          ? 
# 
_em_entity_assembly.id                   1 
_em_entity_assembly.parent_id            0 
_em_entity_assembly.details              ? 
_em_entity_assembly.name                 'Steric zipper structure of a peptide (45-53) of human LECT2' 
_em_entity_assembly.source               'MULTIPLE SOURCES' 
_em_entity_assembly.type                 COMPLEX 
_em_entity_assembly.entity_id_list       1 
_em_entity_assembly.synonym              ? 
_em_entity_assembly.oligomeric_details   ? 
# 
_em_imaging.id                              1 
_em_imaging.entry_id                        7N2I 
_em_imaging.accelerating_voltage            200 
_em_imaging.alignment_procedure             ? 
_em_imaging.c2_aperture_diameter            ? 
_em_imaging.calibrated_defocus_max          ? 
_em_imaging.calibrated_defocus_min          ? 
_em_imaging.calibrated_magnification        ? 
_em_imaging.cryogen                         ? 
_em_imaging.details                         ? 
_em_imaging.electron_source                 'FIELD EMISSION GUN' 
_em_imaging.illumination_mode               'FLOOD BEAM' 
_em_imaging.microscope_model                'FEI TALOS ARCTICA' 
_em_imaging.mode                            DIFFRACTION 
_em_imaging.nominal_cs                      ? 
_em_imaging.nominal_defocus_max             ? 
_em_imaging.nominal_defocus_min             ? 
_em_imaging.nominal_magnification           ? 
_em_imaging.recording_temperature_maximum   ? 
_em_imaging.recording_temperature_minimum   ? 
_em_imaging.residual_tilt                   ? 
_em_imaging.specimen_holder_model           ? 
_em_imaging.specimen_id                     1 
_em_imaging.citation_id                     ? 
_em_imaging.date                            ? 
_em_imaging.temperature                     ? 
_em_imaging.tilt_angle_min                  ? 
_em_imaging.tilt_angle_max                  ? 
_em_imaging.astigmatism                     ? 
_em_imaging.detector_distance               ? 
_em_imaging.electron_beam_tilt_params       ? 
_em_imaging.specimen_holder_type            ? 
# 
_em_vitrification.id                    1 
_em_vitrification.specimen_id           1 
_em_vitrification.chamber_temperature   ? 
_em_vitrification.cryogen_name          ETHANE 
_em_vitrification.details               ? 
_em_vitrification.humidity              ? 
_em_vitrification.instrument            ? 
_em_vitrification.entry_id              7N2I 
_em_vitrification.citation_id           ? 
_em_vitrification.method                ? 
_em_vitrification.temp                  ? 
_em_vitrification.time_resolved_state   ? 
# 
_em_experiment.entry_id                7N2I 
_em_experiment.id                      1 
_em_experiment.aggregation_state       '3D ARRAY' 
_em_experiment.reconstruction_method   CRYSTALLOGRAPHY 
_em_experiment.entity_assembly_id      1 
# 
loop_
_chem_comp_atom.comp_id 
_chem_comp_atom.atom_id 
_chem_comp_atom.type_symbol 
_chem_comp_atom.pdbx_aromatic_flag 
_chem_comp_atom.pdbx_stereo_config 
_chem_comp_atom.pdbx_ordinal 
ALA N    N N N 1   
ALA CA   C N S 2   
ALA C    C N N 3   
ALA O    O N N 4   
ALA CB   C N N 5   
ALA OXT  O N N 6   
ALA H    H N N 7   
ALA H2   H N N 8   
ALA HA   H N N 9   
ALA HB1  H N N 10  
ALA HB2  H N N 11  
ALA HB3  H N N 12  
ALA HXT  H N N 13  
GLY N    N N N 14  
GLY CA   C N N 15  
GLY C    C N N 16  
GLY O    O N N 17  
GLY OXT  O N N 18  
GLY H    H N N 19  
GLY H2   H N N 20  
GLY HA2  H N N 21  
GLY HA3  H N N 22  
GLY HXT  H N N 23  
HOH O    O N N 24  
HOH H1   H N N 25  
HOH H2   H N N 26  
PHE N    N N N 27  
PHE CA   C N S 28  
PHE C    C N N 29  
PHE O    O N N 30  
PHE CB   C N N 31  
PHE CG   C Y N 32  
PHE CD1  C Y N 33  
PHE CD2  C Y N 34  
PHE CE1  C Y N 35  
PHE CE2  C Y N 36  
PHE CZ   C Y N 37  
PHE OXT  O N N 38  
PHE H    H N N 39  
PHE H2   H N N 40  
PHE HA   H N N 41  
PHE HB2  H N N 42  
PHE HB3  H N N 43  
PHE HD1  H N N 44  
PHE HD2  H N N 45  
PHE HE1  H N N 46  
PHE HE2  H N N 47  
PHE HZ   H N N 48  
PHE HXT  H N N 49  
PRO N    N N N 50  
PRO CA   C N S 51  
PRO C    C N N 52  
PRO O    O N N 53  
PRO CB   C N N 54  
PRO CG   C N N 55  
PRO CD   C N N 56  
PRO OXT  O N N 57  
PRO H    H N N 58  
PRO HA   H N N 59  
PRO HB2  H N N 60  
PRO HB3  H N N 61  
PRO HG2  H N N 62  
PRO HG3  H N N 63  
PRO HD2  H N N 64  
PRO HD3  H N N 65  
PRO HXT  H N N 66  
SER N    N N N 67  
SER CA   C N S 68  
SER C    C N N 69  
SER O    O N N 70  
SER CB   C N N 71  
SER OG   O N N 72  
SER OXT  O N N 73  
SER H    H N N 74  
SER H2   H N N 75  
SER HA   H N N 76  
SER HB2  H N N 77  
SER HB3  H N N 78  
SER HG   H N N 79  
SER HXT  H N N 80  
THR N    N N N 81  
THR CA   C N S 82  
THR C    C N N 83  
THR O    O N N 84  
THR CB   C N R 85  
THR OG1  O N N 86  
THR CG2  C N N 87  
THR OXT  O N N 88  
THR H    H N N 89  
THR H2   H N N 90  
THR HA   H N N 91  
THR HB   H N N 92  
THR HG1  H N N 93  
THR HG21 H N N 94  
THR HG22 H N N 95  
THR HG23 H N N 96  
THR HXT  H N N 97  
TYR N    N N N 98  
TYR CA   C N S 99  
TYR C    C N N 100 
TYR O    O N N 101 
TYR CB   C N N 102 
TYR CG   C Y N 103 
TYR CD1  C Y N 104 
TYR CD2  C Y N 105 
TYR CE1  C Y N 106 
TYR CE2  C Y N 107 
TYR CZ   C Y N 108 
TYR OH   O N N 109 
TYR OXT  O N N 110 
TYR H    H N N 111 
TYR H2   H N N 112 
TYR HA   H N N 113 
TYR HB2  H N N 114 
TYR HB3  H N N 115 
TYR HD1  H N N 116 
TYR HD2  H N N 117 
TYR HE1  H N N 118 
TYR HE2  H N N 119 
TYR HH   H N N 120 
TYR HXT  H N N 121 
VAL N    N N N 122 
VAL CA   C N S 123 
VAL C    C N N 124 
VAL O    O N N 125 
VAL CB   C N N 126 
VAL CG1  C N N 127 
VAL CG2  C N N 128 
VAL OXT  O N N 129 
VAL H    H N N 130 
VAL H2   H N N 131 
VAL HA   H N N 132 
VAL HB   H N N 133 
VAL HG11 H N N 134 
VAL HG12 H N N 135 
VAL HG13 H N N 136 
VAL HG21 H N N 137 
VAL HG22 H N N 138 
VAL HG23 H N N 139 
VAL HXT  H N N 140 
# 
loop_
_chem_comp_bond.comp_id 
_chem_comp_bond.atom_id_1 
_chem_comp_bond.atom_id_2 
_chem_comp_bond.value_order 
_chem_comp_bond.pdbx_aromatic_flag 
_chem_comp_bond.pdbx_stereo_config 
_chem_comp_bond.pdbx_ordinal 
ALA N   CA   sing N N 1   
ALA N   H    sing N N 2   
ALA N   H2   sing N N 3   
ALA CA  C    sing N N 4   
ALA CA  CB   sing N N 5   
ALA CA  HA   sing N N 6   
ALA C   O    doub N N 7   
ALA C   OXT  sing N N 8   
ALA CB  HB1  sing N N 9   
ALA CB  HB2  sing N N 10  
ALA CB  HB3  sing N N 11  
ALA OXT HXT  sing N N 12  
GLY N   CA   sing N N 13  
GLY N   H    sing N N 14  
GLY N   H2   sing N N 15  
GLY CA  C    sing N N 16  
GLY CA  HA2  sing N N 17  
GLY CA  HA3  sing N N 18  
GLY C   O    doub N N 19  
GLY C   OXT  sing N N 20  
GLY OXT HXT  sing N N 21  
HOH O   H1   sing N N 22  
HOH O   H2   sing N N 23  
PHE N   CA   sing N N 24  
PHE N   H    sing N N 25  
PHE N   H2   sing N N 26  
PHE CA  C    sing N N 27  
PHE CA  CB   sing N N 28  
PHE CA  HA   sing N N 29  
PHE C   O    doub N N 30  
PHE C   OXT  sing N N 31  
PHE CB  CG   sing N N 32  
PHE CB  HB2  sing N N 33  
PHE CB  HB3  sing N N 34  
PHE CG  CD1  doub Y N 35  
PHE CG  CD2  sing Y N 36  
PHE CD1 CE1  sing Y N 37  
PHE CD1 HD1  sing N N 38  
PHE CD2 CE2  doub Y N 39  
PHE CD2 HD2  sing N N 40  
PHE CE1 CZ   doub Y N 41  
PHE CE1 HE1  sing N N 42  
PHE CE2 CZ   sing Y N 43  
PHE CE2 HE2  sing N N 44  
PHE CZ  HZ   sing N N 45  
PHE OXT HXT  sing N N 46  
PRO N   CA   sing N N 47  
PRO N   CD   sing N N 48  
PRO N   H    sing N N 49  
PRO CA  C    sing N N 50  
PRO CA  CB   sing N N 51  
PRO CA  HA   sing N N 52  
PRO C   O    doub N N 53  
PRO C   OXT  sing N N 54  
PRO CB  CG   sing N N 55  
PRO CB  HB2  sing N N 56  
PRO CB  HB3  sing N N 57  
PRO CG  CD   sing N N 58  
PRO CG  HG2  sing N N 59  
PRO CG  HG3  sing N N 60  
PRO CD  HD2  sing N N 61  
PRO CD  HD3  sing N N 62  
PRO OXT HXT  sing N N 63  
SER N   CA   sing N N 64  
SER N   H    sing N N 65  
SER N   H2   sing N N 66  
SER CA  C    sing N N 67  
SER CA  CB   sing N N 68  
SER CA  HA   sing N N 69  
SER C   O    doub N N 70  
SER C   OXT  sing N N 71  
SER CB  OG   sing N N 72  
SER CB  HB2  sing N N 73  
SER CB  HB3  sing N N 74  
SER OG  HG   sing N N 75  
SER OXT HXT  sing N N 76  
THR N   CA   sing N N 77  
THR N   H    sing N N 78  
THR N   H2   sing N N 79  
THR CA  C    sing N N 80  
THR CA  CB   sing N N 81  
THR CA  HA   sing N N 82  
THR C   O    doub N N 83  
THR C   OXT  sing N N 84  
THR CB  OG1  sing N N 85  
THR CB  CG2  sing N N 86  
THR CB  HB   sing N N 87  
THR OG1 HG1  sing N N 88  
THR CG2 HG21 sing N N 89  
THR CG2 HG22 sing N N 90  
THR CG2 HG23 sing N N 91  
THR OXT HXT  sing N N 92  
TYR N   CA   sing N N 93  
TYR N   H    sing N N 94  
TYR N   H2   sing N N 95  
TYR CA  C    sing N N 96  
TYR CA  CB   sing N N 97  
TYR CA  HA   sing N N 98  
TYR C   O    doub N N 99  
TYR C   OXT  sing N N 100 
TYR CB  CG   sing N N 101 
TYR CB  HB2  sing N N 102 
TYR CB  HB3  sing N N 103 
TYR CG  CD1  doub Y N 104 
TYR CG  CD2  sing Y N 105 
TYR CD1 CE1  sing Y N 106 
TYR CD1 HD1  sing N N 107 
TYR CD2 CE2  doub Y N 108 
TYR CD2 HD2  sing N N 109 
TYR CE1 CZ   doub Y N 110 
TYR CE1 HE1  sing N N 111 
TYR CE2 CZ   sing Y N 112 
TYR CE2 HE2  sing N N 113 
TYR CZ  OH   sing N N 114 
TYR OH  HH   sing N N 115 
TYR OXT HXT  sing N N 116 
VAL N   CA   sing N N 117 
VAL N   H    sing N N 118 
VAL N   H2   sing N N 119 
VAL CA  C    sing N N 120 
VAL CA  CB   sing N N 121 
VAL CA  HA   sing N N 122 
VAL C   O    doub N N 123 
VAL C   OXT  sing N N 124 
VAL CB  CG1  sing N N 125 
VAL CB  CG2  sing N N 126 
VAL CB  HB   sing N N 127 
VAL CG1 HG11 sing N N 128 
VAL CG1 HG12 sing N N 129 
VAL CG1 HG13 sing N N 130 
VAL CG2 HG21 sing N N 131 
VAL CG2 HG22 sing N N 132 
VAL CG2 HG23 sing N N 133 
VAL OXT HXT  sing N N 134 
# 
_em_3d_crystal_entity.id                    1 
_em_3d_crystal_entity.image_processing_id   1 
_em_3d_crystal_entity.angle_alpha           90 
_em_3d_crystal_entity.angle_beta            105 
_em_3d_crystal_entity.angle_gamma           90 
_em_3d_crystal_entity.length_a              58.4 
_em_3d_crystal_entity.length_b              4.73 
_em_3d_crystal_entity.length_c              19.63 
_em_3d_crystal_entity.space_group_name      C2 
_em_3d_crystal_entity.space_group_num       5 
# 
_em_ctf_correction.id                       1 
_em_ctf_correction.em_image_processing_id   1 
_em_ctf_correction.type                     NONE 
_em_ctf_correction.details                  ? 
# 
_em_diffraction.id                1 
_em_diffraction.camera_length     1000 
_em_diffraction.imaging_id        1 
_em_diffraction.tilt_angle_list   ? 
# 
loop_
_em_diffraction_shell.id 
_em_diffraction_shell.em_diffraction_stats_id 
_em_diffraction_shell.fourier_space_coverage 
_em_diffraction_shell.high_resolution 
_em_diffraction_shell.low_resolution 
_em_diffraction_shell.multiplicity 
_em_diffraction_shell.num_structure_factors 
_em_diffraction_shell.phase_residual 
1  1 77 7.7545 2.9695 3.54 103 0.01 
2  1 77 2.9695 2.3794 4.46 75  0.01 
3  1 80 2.3794 2.0853 3.02 101 0.01 
4  1 81 2.0853 1.8977 4.18 94  0.01 
5  1 80 1.8977 1.7634 4.37 81  0.01 
6  1 84 1.7634 1.6605 4.46 79  0.01 
7  1 78 1.6605 1.5781 3.93 72  0.01 
8  1 88 1.5781 1.5099 4.08 99  0.01 
9  1 84 1.5099 1.4522 4.87 95  0.01 
10 1 85 1.4522 1.4024 4.17 97  0.01 
# 
_em_diffraction_stats.id                               1 
_em_diffraction_stats.details                          
;Phase 
error and phase residual statistics are not routinely reported for 
crystallographic structures. No imaging was used. The phases were 
obtained by an ab initio crystallographic method described in our 
manuscript
;
_em_diffraction_stats.image_processing_id              1 
_em_diffraction_stats.fourier_space_coverage           80 
_em_diffraction_stats.high_resolution                  1.40 
_em_diffraction_stats.num_intensities_measured         4159 
_em_diffraction_stats.num_structure_factors            986 
_em_diffraction_stats.overall_phase_error              22.72 
_em_diffraction_stats.overall_phase_residual           0.01 
_em_diffraction_stats.phase_error_rejection_criteria   0 
_em_diffraction_stats.r_merge                          15.9 
_em_diffraction_stats.r_sym                            15.9 
# 
_em_entity_assembly_molwt.entity_assembly_id   1 
_em_entity_assembly_molwt.id                   1 
_em_entity_assembly_molwt.experimental_flag    YES 
_em_entity_assembly_molwt.units                KILODALTONS/NANOMETER 
_em_entity_assembly_molwt.value                0.942 
# 
_em_image_processing.id                   1 
_em_image_processing.image_recording_id   1 
_em_image_processing.details              ? 
# 
_em_image_recording.id                            1 
_em_image_recording.imaging_id                    1 
_em_image_recording.avg_electron_dose_per_image   0.05 
_em_image_recording.average_exposure_time         ? 
_em_image_recording.details                       ? 
_em_image_recording.detector_mode                 ? 
_em_image_recording.film_or_detector_model        'TVIPS TEMCAM-F416 (4k x 4k)' 
_em_image_recording.num_diffraction_images        ? 
_em_image_recording.num_grids_imaged              ? 
_em_image_recording.num_real_images               ? 
# 
loop_
_em_software.id 
_em_software.category 
_em_software.details 
_em_software.name 
_em_software.version 
_em_software.image_processing_id 
_em_software.fitting_id 
_em_software.imaging_id 
1  'IMAGE ACQUISITION'             ? ? ? ? ? 1 
2  MASKING                         ? ? ? ? ? ? 
3  'CTF CORRECTION'                ? ? ? 1 ? ? 
4  'LAYERLINE INDEXING'            ? ? ? ? ? ? 
5  'DIFFRACTION INDEXING'          ? ? ? ? ? ? 
6  'MODEL FITTING'                 ? ? ? ? 1 ? 
7  OTHER                           ? ? ? ? ? ? 
8  'MODEL REFINEMENT'              ? ? ? ? 1 ? 
9  'MOLECULAR REPLACEMENT'         ? ? ? 1 ? ? 
10 'LATTICE DISTORTION CORRECTION' ? ? ? 1 ? ? 
11 'SYMMETRY DETERMINATION'        ? ? ? 1 ? ? 
12 'CRYSTALLOGRAPHY MERGING'       ? ? ? 1 ? ? 
13 RECONSTRUCTION                  ? ? ? 1 ? ? 
# 
_em_specimen.id                      1 
_em_specimen.experiment_id           1 
_em_specimen.concentration           ? 
_em_specimen.details                 ? 
_em_specimen.embedding_applied       NO 
_em_specimen.shadowing_applied       NO 
_em_specimen.staining_applied        NO 
_em_specimen.vitrification_applied   YES 
# 
loop_
_pdbx_audit_support.funding_organization 
_pdbx_audit_support.country 
_pdbx_audit_support.grant_number 
_pdbx_audit_support.ordinal 
'National Science Foundation (NSF, United States)'                                         'United States' DMR-1548924           1 
'Department of Energy (DOE, United States)'                                                'United States' DE-FC02-02ER63421     2 
'National Institutes of Health/National Institute of General Medical Sciences (NIH/NIGMS)' 'United States' GM128867              3 
'National Institutes of Health/National Institute of General Medical Sciences (NIH/NIGMS)' 'United States' P41GM136508           4 
'National Institutes of Health/National Institute of General Medical Sciences (NIH/NIGMS)' 'United States' GM136614              5 
'National Institutes of Health/National Institute of General Medical Sciences (NIH/NIGMS)' 'United States' GM007185              6 
'National Institutes of Health/National Institute of General Medical Sciences (NIH/NIGMS)' 'United States' AI143368              7 
'Sao Paulo Research Foundation (FAPESP)'                                                   'United States' 16/24191-8            8 
'Sao Paulo Research Foundation (FAPESP)'                                                   Brazil          17/13485-3            9 
'Spanish Ministry of Science, Innovation, and Universities'                                'United States' BES-2015-071397       
10 
'Spanish Ministry of Economy and Competitiveness'                                          Spain           PGC2018-101370-B-100, 
11 
'Spanish Ministry of Economy and Competitiveness'                                          Spain           MDM2014-0435-01       
12 
'Other government'                                                                         Spain           '2017SGR- 1192'       
13 
# 
_atom_sites.entry_id                    7N2I 
_atom_sites.Cartn_transf_matrix[1][1]   ? 
_atom_sites.Cartn_transf_matrix[1][2]   ? 
_atom_sites.Cartn_transf_matrix[1][3]   ? 
_atom_sites.Cartn_transf_matrix[2][1]   ? 
_atom_sites.Cartn_transf_matrix[2][2]   ? 
_atom_sites.Cartn_transf_matrix[2][3]   ? 
_atom_sites.Cartn_transf_matrix[3][1]   ? 
_atom_sites.Cartn_transf_matrix[3][2]   ? 
_atom_sites.Cartn_transf_matrix[3][3]   ? 
_atom_sites.Cartn_transf_vector[1]      ? 
_atom_sites.Cartn_transf_vector[2]      ? 
_atom_sites.Cartn_transf_vector[3]      ? 
_atom_sites.fract_transf_matrix[1][1]   0.00956253 
_atom_sites.fract_transf_matrix[1][2]   -0.00148899 
_atom_sites.fract_transf_matrix[1][3]   -0.01485282 
_atom_sites.fract_transf_matrix[2][1]   -0.08307250 
_atom_sites.fract_transf_matrix[2][2]   0.18074475 
_atom_sites.fract_transf_matrix[2][3]   -0.07160321 
_atom_sites.fract_transf_matrix[3][1]   0.04530482 
_atom_sites.fract_transf_matrix[3][2]   0.02493084 
_atom_sites.fract_transf_matrix[3][3]   0.01037014 
_atom_sites.fract_transf_vector[1]      0.251824 
_atom_sites.fract_transf_vector[2]      0.556470 
_atom_sites.fract_transf_vector[3]      0.280740 
_atom_sites.solution_primary            ? 
_atom_sites.solution_secondary          ? 
_atom_sites.solution_hydrogens          ? 
_atom_sites.special_details             ? 
# 
loop_
_atom_type.symbol 
C 
N 
O 
# 
loop_
_atom_site.group_PDB 
_atom_site.id 
_atom_site.type_symbol 
_atom_site.label_atom_id 
_atom_site.label_alt_id 
_atom_site.label_comp_id 
_atom_site.label_asym_id 
_atom_site.label_entity_id 
_atom_site.label_seq_id 
_atom_site.pdbx_PDB_ins_code 
_atom_site.Cartn_x 
_atom_site.Cartn_y 
_atom_site.Cartn_z 
_atom_site.occupancy 
_atom_site.B_iso_or_equiv 
_atom_site.pdbx_formal_charge 
_atom_site.auth_seq_id 
_atom_site.auth_comp_id 
_atom_site.auth_asym_id 
_atom_site.auth_atom_id 
_atom_site.pdbx_PDB_model_num 
ATOM   1  N N   . GLY A 1 1 ? 3.738  -2.353 -12.603 1.00 17.40 ? 0   GLY A N   1 
ATOM   2  C CA  . GLY A 1 1 ? 4.320  -1.497 -11.588 1.00 13.53 ? 0   GLY A CA  1 
ATOM   3  C C   . GLY A 1 1 ? 4.402  -2.179 -10.239 1.00 9.49  ? 0   GLY A C   1 
ATOM   4  O O   . GLY A 1 1 ? 3.798  -3.224 -10.021 1.00 14.50 ? 0   GLY A O   1 
ATOM   5  N N   . SER A 1 2 ? 5.165  -1.588 -9.331  1.00 9.09  ? 1   SER A N   1 
ATOM   6  C CA  . SER A 1 2 ? 5.227  -2.080 -7.967  1.00 6.71  ? 1   SER A CA  1 
ATOM   7  C C   . SER A 1 2 ? 4.184  -1.375 -7.117  1.00 5.68  ? 1   SER A C   1 
ATOM   8  O O   . SER A 1 2 ? 3.654  -0.331 -7.478  1.00 6.97  ? 1   SER A O   1 
ATOM   9  C CB  . SER A 1 2 ? 6.619  -1.870 -7.377  1.00 10.35 ? 1   SER A CB  1 
ATOM   10 O OG  . SER A 1 2 ? 7.589  -2.564 -8.138  1.00 10.87 ? 1   SER A OG  1 
ATOM   11 N N   . THR A 1 3 ? 3.897  -1.960 -5.971  1.00 6.39  ? 2   THR A N   1 
ATOM   12 C CA  . THR A 1 3 ? 2.807  -1.494 -5.143  1.00 5.89  ? 2   THR A CA  1 
ATOM   13 C C   . THR A 1 3 ? 3.251  -1.540 -3.697  1.00 6.11  ? 2   THR A C   1 
ATOM   14 O O   . THR A 1 3 ? 3.855  -2.519 -3.259  1.00 6.07  ? 2   THR A O   1 
ATOM   15 C CB  . THR A 1 3 ? 1.595  -2.421 -5.302  1.00 8.91  ? 2   THR A CB  1 
ATOM   16 O OG1 . THR A 1 3 ? 1.235  -2.507 -6.686  1.00 10.62 ? 2   THR A OG1 1 
ATOM   17 C CG2 . THR A 1 3 ? 0.416  -1.915 -4.502  1.00 9.10  ? 2   THR A CG2 1 
ATOM   18 N N   . VAL A 1 4 ? 2.963  -0.474 -2.963  1.00 6.44  ? 3   VAL A N   1 
ATOM   19 C CA  . VAL A 1 4 ? 2.905  -0.528 -1.514  1.00 4.92  ? 3   VAL A CA  1 
ATOM   20 C C   . VAL A 1 4 ? 1.444  -0.369 -1.154  1.00 4.88  ? 3   VAL A C   1 
ATOM   21 O O   . VAL A 1 4 ? 0.835  0.663  -1.456  1.00 5.53  ? 3   VAL A O   1 
ATOM   22 C CB  . VAL A 1 4 ? 3.769  0.551  -0.855  1.00 5.32  ? 3   VAL A CB  1 
ATOM   23 C CG1 . VAL A 1 4 ? 3.459  0.633  0.638   1.00 6.64  ? 3   VAL A CG1 1 
ATOM   24 C CG2 . VAL A 1 4 ? 5.240  0.243  -1.087  1.00 5.37  ? 3   VAL A CG2 1 
ATOM   25 N N   . TYR A 1 5 ? 0.871  -1.404 -0.576  1.00 5.33  ? 4   TYR A N   1 
ATOM   26 C CA  . TYR A 1 5 ? -0.520 -1.400 -0.169  1.00 4.07  ? 4   TYR A CA  1 
ATOM   27 C C   . TYR A 1 5 ? -0.490 -1.309 1.342   1.00 4.54  ? 4   TYR A C   1 
ATOM   28 O O   . TYR A 1 5 ? -0.160 -2.289 2.017   1.00 4.61  ? 4   TYR A O   1 
ATOM   29 C CB  . TYR A 1 5 ? -1.192 -2.692 -0.611  1.00 6.66  ? 4   TYR A CB  1 
ATOM   30 C CG  . TYR A 1 5 ? -2.636 -2.788 -0.201  1.00 5.78  ? 4   TYR A CG  1 
ATOM   31 C CD1 . TYR A 1 5 ? -3.643 -2.353 -1.042  1.00 7.04  ? 4   TYR A CD1 1 
ATOM   32 C CD2 . TYR A 1 5 ? -2.997 -3.315 1.027   1.00 6.40  ? 4   TYR A CD2 1 
ATOM   33 C CE1 . TYR A 1 5 ? -4.960 -2.453 -0.677  1.00 6.27  ? 4   TYR A CE1 1 
ATOM   34 C CE2 . TYR A 1 5 ? -4.319 -3.409 1.404   1.00 8.08  ? 4   TYR A CE2 1 
ATOM   35 C CZ  . TYR A 1 5 ? -5.294 -2.968 0.553   1.00 9.14  ? 4   TYR A CZ  1 
ATOM   36 O OH  . TYR A 1 5 ? -6.612 -3.062 0.929   1.00 9.33  ? 4   TYR A OH  1 
ATOM   37 N N   . ALA A 1 6 ? -0.805 -0.142 1.866   1.00 5.25  ? 5   ALA A N   1 
ATOM   38 C CA  . ALA A 1 6 ? -0.710 0.014  3.302   1.00 4.19  ? 5   ALA A CA  1 
ATOM   39 C C   . ALA A 1 6 ? -1.795 0.945  3.820   1.00 3.96  ? 5   ALA A C   1 
ATOM   40 O O   . ALA A 1 6 ? -1.483 1.936  4.489   1.00 5.30  ? 5   ALA A O   1 
ATOM   41 C CB  . ALA A 1 6 ? 0.669  0.548  3.672   1.00 4.55  ? 5   ALA A CB  1 
ATOM   42 N N   . PRO A 1 7 ? -3.070 0.654  3.563   1.00 6.32  ? 6   PRO A N   1 
ATOM   43 C CA  . PRO A 1 7 ? -4.126 1.413  4.235   1.00 4.06  ? 6   PRO A CA  1 
ATOM   44 C C   . PRO A 1 7 ? -3.972 1.232  5.730   1.00 4.35  ? 6   PRO A C   1 
ATOM   45 O O   . PRO A 1 7 ? -3.582 0.170  6.208   1.00 4.89  ? 6   PRO A O   1 
ATOM   46 C CB  . PRO A 1 7 ? -5.408 0.747  3.735   1.00 6.70  ? 6   PRO A CB  1 
ATOM   47 C CG  . PRO A 1 7 ? -4.999 -0.654 3.471   1.00 5.20  ? 6   PRO A CG  1 
ATOM   48 C CD  . PRO A 1 7 ? -3.613 -0.540 2.898   1.00 5.92  ? 6   PRO A CD  1 
ATOM   49 N N   . PHE A 1 8 ? -4.267 2.280  6.479   1.00 6.10  ? 7   PHE A N   1 
ATOM   50 C CA  . PHE A 1 8 ? -4.042 2.151  7.901   1.00 6.14  ? 7   PHE A CA  1 
ATOM   51 C C   . PHE A 1 8 ? -5.040 2.970  8.689   1.00 8.04  ? 7   PHE A C   1 
ATOM   52 O O   . PHE A 1 8 ? -5.714 3.854  8.160   1.00 7.03  ? 7   PHE A O   1 
ATOM   53 C CB  . PHE A 1 8 ? -2.601 2.475  8.287   1.00 7.89  ? 7   PHE A CB  1 
ATOM   54 C CG  . PHE A 1 8 ? -2.177 3.897  8.030   1.00 8.64  ? 7   PHE A CG  1 
ATOM   55 C CD1 . PHE A 1 8 ? -2.274 4.853  9.030   1.00 9.74  ? 7   PHE A CD1 1 
ATOM   56 C CD2 . PHE A 1 8 ? -1.607 4.257  6.821   1.00 8.41  ? 7   PHE A CD2 1 
ATOM   57 C CE1 . PHE A 1 8 ? -1.850 6.149  8.814   1.00 8.14  ? 7   PHE A CE1 1 
ATOM   58 C CE2 . PHE A 1 8 ? -1.184 5.557  6.598   1.00 7.87  ? 7   PHE A CE2 1 
ATOM   59 C CZ  . PHE A 1 8 ? -1.297 6.498  7.598   1.00 8.52  ? 7   PHE A CZ  1 
ATOM   60 N N   . THR A 1 9 ? -5.144 2.625  9.967   1.00 10.75 ? 8   THR A N   1 
ATOM   61 C CA  . THR A 1 9 ? -5.860 3.421  10.943  1.00 16.25 ? 8   THR A CA  1 
ATOM   62 C C   . THR A 1 9 ? -5.003 3.400  12.197  1.00 20.10 ? 8   THR A C   1 
ATOM   63 O O   . THR A 1 9 ? -4.015 2.665  12.253  1.00 18.08 ? 8   THR A O   1 
ATOM   64 C CB  . THR A 1 9 ? -7.246 2.835  11.281  1.00 22.95 ? 8   THR A CB  1 
ATOM   65 O OG1 . THR A 1 9 ? -7.085 1.586  11.962  1.00 24.81 ? 8   THR A OG1 1 
ATOM   66 C CG2 . THR A 1 9 ? -8.075 2.621  10.022  1.00 24.19 ? 8   THR A CG2 1 
ATOM   67 O OXT . THR A 1 9 ? -5.264 4.107  13.168  1.00 21.92 ? 8   THR A OXT 1 
HETATM 68 O O   . HOH B 2 . ? -0.799 -2.379 -7.759  1.00 13.76 ? 101 HOH A O   1 
HETATM 69 O O   . HOH B 2 . ? -5.759 -0.970 7.573   1.00 11.55 ? 102 HOH A O   1 
# 
